data_1WCO
#
_entry.id   1WCO
#
_cell.length_a   1.000
_cell.length_b   1.000
_cell.length_c   1.000
_cell.angle_alpha   90.00
_cell.angle_beta   90.00
_cell.angle_gamma   90.00
#
_symmetry.space_group_name_H-M   'P 1'
#
loop_
_entity.id
_entity.type
_entity.pdbx_description
1 polymer 'ALA-FGA-LYS-DAL-DAL PEPTIDE'
2 polymer Lantibiotic
3 branched '2-acetamido-2-deoxy-beta-D-glucopyranose-(1-4)-N-acetyl-alpha-muramic acid'
4 non-polymer '(2E,6E)-12-fluoro-11-(fluoromethyl)-3,7-dimethyldodeca-2,6,10-trien-1-yl trihydrogen diphosphate'
#
loop_
_entity_poly.entity_id
_entity_poly.type
_entity_poly.pdbx_seq_one_letter_code
_entity_poly.pdbx_strand_id
1 'polypeptide(L)' A(FGA)K(DAL)(DAL) L
2 'polypeptide(L)' I(DBU)(DAL)I(DHA)LC(DBB)PGCK(DBB)GALMGCNMK(DBB)A(DBB)CNCSIHV(DHA)K N
#
# COMPACT_ATOMS: atom_id res chain seq x y z
N ALA A 1 15.03 10.23 2.01
CA ALA A 1 14.29 11.40 2.44
C ALA A 1 13.34 11.91 1.36
N LYS A 3 10.07 11.08 3.63
CA LYS A 3 9.35 10.05 4.36
C LYS A 3 7.96 9.76 3.82
N ILE B 1 9.63 9.50 -4.47
CA ILE B 1 10.66 9.18 -3.46
C ILE B 1 12.04 9.27 -4.08
N ILE B 4 16.28 5.06 -4.42
CA ILE B 4 17.57 4.41 -4.25
C ILE B 4 17.30 2.95 -3.92
N LEU B 6 13.37 0.72 -2.97
CA LEU B 6 12.11 0.17 -3.43
C LEU B 6 11.20 1.32 -3.84
N CYS B 7 11.54 1.92 -4.98
CA CYS B 7 10.81 3.06 -5.52
C CYS B 7 9.38 2.70 -5.88
N PRO B 9 6.50 1.43 -3.35
CA PRO B 9 5.73 1.09 -2.16
C PRO B 9 5.66 2.29 -1.22
N GLY B 10 6.68 3.11 -1.30
CA GLY B 10 6.74 4.29 -0.49
C GLY B 10 6.02 5.45 -1.13
N CYS B 11 5.70 5.29 -2.41
CA CYS B 11 5.01 6.32 -3.18
C CYS B 11 3.61 6.54 -2.68
N LYS B 12 3.03 5.50 -2.11
CA LYS B 12 1.67 5.60 -1.60
C LYS B 12 1.43 4.65 -0.44
N GLY B 14 2.14 5.02 2.33
CA GLY B 14 1.98 5.79 3.53
C GLY B 14 0.63 6.45 3.69
N ALA B 15 0.62 7.55 4.44
CA ALA B 15 -0.60 8.31 4.74
C ALA B 15 -1.26 8.86 3.49
N LEU B 16 -0.58 8.70 2.38
CA LEU B 16 -1.07 9.15 1.09
C LEU B 16 -2.09 8.17 0.57
N MET B 17 -2.17 7.01 1.19
CA MET B 17 -3.10 5.98 0.78
C MET B 17 -3.46 5.04 1.91
N GLY B 18 -2.44 4.59 2.62
CA GLY B 18 -2.64 3.63 3.67
C GLY B 18 -2.43 2.26 3.08
N CYS B 19 -1.78 2.25 1.92
CA CYS B 19 -1.51 1.04 1.15
C CYS B 19 -2.81 0.41 0.73
N ASN B 20 -3.35 0.92 -0.37
CA ASN B 20 -4.62 0.47 -0.91
C ASN B 20 -4.61 -1.04 -1.22
N MET B 21 -4.04 -1.38 -2.38
CA MET B 21 -3.94 -2.78 -2.85
C MET B 21 -5.31 -3.41 -3.06
N LYS B 22 -6.36 -2.62 -2.94
CA LYS B 22 -7.71 -3.11 -3.13
C LYS B 22 -8.17 -2.95 -4.58
N ALA B 24 -8.91 -6.01 -6.33
CA ALA B 24 -8.49 -7.27 -6.92
C ALA B 24 -9.67 -8.23 -7.01
N CYS B 26 -12.97 -7.01 -7.01
CA CYS B 26 -14.02 -6.45 -6.18
C CYS B 26 -15.35 -6.53 -6.92
N ASN B 27 -15.25 -6.62 -8.23
CA ASN B 27 -16.40 -6.73 -9.11
C ASN B 27 -16.33 -8.07 -9.82
N CYS B 28 -15.61 -8.98 -9.21
CA CYS B 28 -15.44 -10.31 -9.76
C CYS B 28 -16.59 -11.22 -9.37
N SER B 29 -17.79 -10.87 -9.81
CA SER B 29 -18.98 -11.65 -9.52
C SER B 29 -19.00 -12.90 -10.41
N ILE B 30 -18.07 -12.91 -11.36
CA ILE B 30 -17.90 -14.00 -12.32
C ILE B 30 -17.91 -15.36 -11.64
N HIS B 31 -18.78 -16.24 -12.13
CA HIS B 31 -18.89 -17.59 -11.59
C HIS B 31 -18.75 -18.60 -12.71
N VAL B 32 -19.84 -18.84 -13.41
CA VAL B 32 -19.87 -19.78 -14.52
C VAL B 32 -20.22 -19.07 -15.83
N LYS B 34 -22.64 -18.30 -17.70
CA LYS B 34 -23.96 -18.50 -18.28
C LYS B 34 -24.56 -19.80 -17.75
N ALA A 1 14.33 10.50 2.12
CA ALA A 1 13.44 11.56 2.55
C ALA A 1 12.50 11.98 1.43
N LYS A 3 7.96 9.36 3.19
CA LYS A 3 7.50 9.47 4.57
C LYS A 3 7.13 10.91 4.92
N ILE B 1 9.58 9.52 -4.56
CA ILE B 1 10.62 9.17 -3.57
C ILE B 1 12.00 9.21 -4.24
N ILE B 4 16.26 5.00 -4.45
CA ILE B 4 17.55 4.36 -4.26
C ILE B 4 17.29 2.86 -4.10
N LEU B 6 13.52 0.42 -3.18
CA LEU B 6 12.25 -0.11 -3.64
C LEU B 6 11.32 1.04 -3.95
N CYS B 7 11.60 1.72 -5.06
CA CYS B 7 10.82 2.86 -5.49
C CYS B 7 9.40 2.48 -5.81
N PRO B 9 6.53 1.28 -3.19
CA PRO B 9 5.78 0.97 -1.98
C PRO B 9 5.66 2.20 -1.09
N GLY B 10 6.74 2.94 -1.06
CA GLY B 10 6.79 4.14 -0.28
C GLY B 10 6.16 5.33 -0.99
N CYS B 11 5.90 5.16 -2.29
CA CYS B 11 5.32 6.22 -3.10
C CYS B 11 3.99 6.66 -2.57
N LYS B 12 3.22 5.70 -2.10
CA LYS B 12 1.91 5.98 -1.57
C LYS B 12 1.81 5.55 -0.11
N GLY B 14 1.93 6.79 2.53
CA GLY B 14 1.74 7.95 3.35
C GLY B 14 0.31 8.43 3.40
N ALA B 15 0.12 9.72 3.56
CA ALA B 15 -1.21 10.32 3.68
C ALA B 15 -1.94 10.26 2.35
N LEU B 16 -1.25 9.75 1.35
CA LEU B 16 -1.77 9.61 0.02
C LEU B 16 -2.54 8.30 -0.11
N MET B 17 -2.49 7.48 0.94
CA MET B 17 -3.15 6.20 0.91
C MET B 17 -3.41 5.64 2.30
N GLY B 18 -2.49 5.92 3.21
CA GLY B 18 -2.55 5.38 4.54
C GLY B 18 -1.94 4.01 4.52
N CYS B 19 -1.23 3.76 3.41
CA CYS B 19 -0.57 2.49 3.14
C CYS B 19 -1.59 1.39 2.98
N ASN B 20 -1.99 1.19 1.73
CA ASN B 20 -3.00 0.19 1.35
C ASN B 20 -2.61 -1.21 1.84
N MET B 21 -1.31 -1.47 1.95
CA MET B 21 -0.80 -2.77 2.38
C MET B 21 -0.97 -3.78 1.26
N LYS B 22 -0.74 -3.32 0.05
CA LYS B 22 -0.90 -4.15 -1.12
C LYS B 22 0.03 -5.34 -1.13
N ALA B 24 -0.95 -8.12 0.94
CA ALA B 24 -1.17 -8.67 2.27
C ALA B 24 -1.85 -10.04 2.16
N CYS B 26 -2.28 -11.58 -0.94
CA CYS B 26 -3.02 -11.57 -2.20
C CYS B 26 -2.83 -12.91 -2.89
N ASN B 27 -1.68 -13.50 -2.60
CA ASN B 27 -1.30 -14.81 -3.13
C ASN B 27 -1.38 -15.84 -2.02
N CYS B 28 -2.12 -15.49 -1.00
CA CYS B 28 -2.30 -16.35 0.14
C CYS B 28 -3.51 -17.25 -0.07
N SER B 29 -3.38 -18.52 0.28
CA SER B 29 -4.46 -19.46 0.13
C SER B 29 -5.44 -19.34 1.30
N ILE B 30 -6.01 -18.15 1.44
CA ILE B 30 -6.96 -17.86 2.51
C ILE B 30 -8.32 -18.44 2.20
N HIS B 31 -8.91 -19.12 3.18
CA HIS B 31 -10.23 -19.71 3.03
C HIS B 31 -11.11 -19.36 4.21
N VAL B 32 -12.41 -19.32 3.98
CA VAL B 32 -13.37 -19.01 5.02
C VAL B 32 -14.17 -20.24 5.40
N LYS B 34 -14.00 -23.50 5.05
CA LYS B 34 -13.64 -24.76 4.41
C LYS B 34 -12.90 -24.48 3.12
N ALA A 1 15.63 10.28 2.00
CA ALA A 1 15.40 11.71 2.15
C ALA A 1 14.13 12.13 1.46
N LYS A 3 8.99 9.60 3.75
CA LYS A 3 7.73 9.20 4.36
C LYS A 3 6.65 10.26 4.17
N ILE B 1 9.91 10.12 -4.17
CA ILE B 1 10.87 9.48 -3.24
C ILE B 1 12.27 9.50 -3.84
N ILE B 4 16.30 5.22 -4.43
CA ILE B 4 17.58 4.55 -4.30
C ILE B 4 17.33 3.05 -4.20
N LEU B 6 13.67 0.33 -3.52
CA LEU B 6 12.47 -0.19 -4.14
C LEU B 6 11.49 0.95 -4.33
N CYS B 7 11.72 1.75 -5.36
CA CYS B 7 10.88 2.91 -5.66
C CYS B 7 9.45 2.50 -5.97
N PRO B 9 6.67 1.40 -3.20
CA PRO B 9 5.92 1.15 -1.98
C PRO B 9 5.70 2.45 -1.25
N GLY B 10 6.76 3.22 -1.20
CA GLY B 10 6.74 4.50 -0.57
C GLY B 10 5.92 5.52 -1.33
N CYS B 11 5.58 5.18 -2.57
CA CYS B 11 4.80 6.04 -3.42
C CYS B 11 3.38 6.16 -2.92
N LYS B 12 2.97 5.12 -2.22
CA LYS B 12 1.64 5.07 -1.65
C LYS B 12 1.70 4.78 -0.15
N GLY B 14 1.60 6.26 2.36
CA GLY B 14 1.17 7.42 3.08
C GLY B 14 -0.32 7.57 3.19
N ALA B 15 -0.78 8.81 3.20
CA ALA B 15 -2.20 9.11 3.34
C ALA B 15 -2.95 8.73 2.08
N LEU B 16 -2.19 8.52 1.02
CA LEU B 16 -2.74 8.14 -0.26
C LEU B 16 -3.30 6.73 -0.22
N MET B 17 -2.77 5.92 0.67
CA MET B 17 -3.20 4.53 0.76
C MET B 17 -3.36 4.06 2.20
N GLY B 18 -2.57 4.62 3.08
CA GLY B 18 -2.55 4.19 4.46
C GLY B 18 -1.67 2.97 4.53
N CYS B 19 -0.85 2.83 3.48
CA CYS B 19 0.05 1.71 3.31
C CYS B 19 -0.73 0.42 3.25
N ASN B 20 -1.30 0.18 2.08
CA ASN B 20 -2.14 -0.98 1.86
C ASN B 20 -1.33 -2.27 1.90
N MET B 21 -0.66 -2.57 0.77
CA MET B 21 0.17 -3.80 0.63
C MET B 21 -0.73 -5.02 0.44
N LYS B 22 -1.90 -4.96 1.04
CA LYS B 22 -2.90 -6.02 0.94
C LYS B 22 -3.82 -5.76 -0.24
N ALA B 24 -6.53 -8.69 -0.95
CA ALA B 24 -7.19 -9.98 -1.07
C ALA B 24 -8.55 -9.93 -0.39
N CYS B 26 -10.12 -6.89 0.01
CA CYS B 26 -10.08 -5.62 0.73
C CYS B 26 -11.39 -4.85 0.53
N ASN B 27 -11.99 -5.05 -0.64
CA ASN B 27 -13.25 -4.40 -0.98
C ASN B 27 -14.34 -5.47 -1.06
N CYS B 28 -14.05 -6.60 -0.42
CA CYS B 28 -14.95 -7.74 -0.40
C CYS B 28 -16.14 -7.47 0.52
N SER B 29 -17.31 -7.90 0.08
CA SER B 29 -18.54 -7.72 0.86
C SER B 29 -18.63 -8.80 1.94
N ILE B 30 -17.71 -9.75 1.88
CA ILE B 30 -17.66 -10.83 2.84
C ILE B 30 -16.78 -10.46 4.04
N HIS B 31 -17.10 -9.36 4.68
CA HIS B 31 -16.36 -8.90 5.84
C HIS B 31 -17.25 -8.94 7.08
N VAL B 32 -18.32 -8.20 7.02
CA VAL B 32 -19.29 -8.14 8.11
C VAL B 32 -20.67 -8.49 7.61
N LYS B 34 -23.17 -7.16 6.15
CA LYS B 34 -24.04 -6.05 5.81
C LYS B 34 -23.38 -4.73 6.20
N ALA A 1 15.30 10.16 2.12
CA ALA A 1 14.82 11.47 2.53
C ALA A 1 13.67 11.95 1.67
N LYS A 3 9.55 9.94 4.80
CA LYS A 3 9.84 9.75 6.21
C LYS A 3 10.51 10.96 6.83
N ILE B 1 9.61 9.93 -4.01
CA ILE B 1 10.67 9.39 -3.11
C ILE B 1 12.02 9.46 -3.81
N ILE B 4 16.08 5.05 -4.58
CA ILE B 4 17.37 4.41 -4.44
C ILE B 4 17.15 2.92 -4.20
N LEU B 6 13.42 0.74 -2.92
CA LEU B 6 12.13 0.19 -3.30
C LEU B 6 11.23 1.31 -3.76
N CYS B 7 11.56 1.90 -4.90
CA CYS B 7 10.80 3.01 -5.46
C CYS B 7 9.39 2.63 -5.82
N PRO B 9 6.49 1.40 -3.20
CA PRO B 9 5.69 1.12 -2.01
C PRO B 9 5.58 2.35 -1.14
N GLY B 10 6.59 3.17 -1.23
CA GLY B 10 6.62 4.39 -0.48
C GLY B 10 5.89 5.50 -1.21
N CYS B 11 5.57 5.25 -2.47
CA CYS B 11 4.87 6.21 -3.30
C CYS B 11 3.46 6.45 -2.84
N LYS B 12 2.82 5.41 -2.38
CA LYS B 12 1.45 5.52 -1.91
C LYS B 12 1.26 4.79 -0.60
N GLY B 14 1.13 5.51 2.22
CA GLY B 14 0.85 6.48 3.22
C GLY B 14 -0.58 6.90 3.31
N ALA B 15 -0.80 8.13 3.76
CA ALA B 15 -2.14 8.68 3.95
C ALA B 15 -2.88 8.78 2.64
N LEU B 16 -2.15 8.68 1.56
CA LEU B 16 -2.70 8.74 0.23
C LEU B 16 -3.48 7.48 -0.10
N MET B 17 -3.27 6.44 0.68
CA MET B 17 -3.94 5.18 0.42
C MET B 17 -4.19 4.35 1.67
N GLY B 18 -3.24 4.40 2.58
CA GLY B 18 -3.30 3.58 3.77
C GLY B 18 -2.64 2.28 3.45
N CYS B 19 -1.94 2.29 2.32
CA CYS B 19 -1.24 1.14 1.77
C CYS B 19 -2.22 0.10 1.27
N ASN B 20 -2.61 0.28 0.02
CA ASN B 20 -3.57 -0.60 -0.63
C ASN B 20 -2.89 -1.89 -1.06
N MET B 21 -1.66 -1.75 -1.56
CA MET B 21 -0.85 -2.89 -2.04
C MET B 21 -1.35 -3.39 -3.39
N LYS B 22 -2.64 -3.63 -3.48
CA LYS B 22 -3.25 -4.10 -4.71
C LYS B 22 -3.45 -2.95 -5.69
N ALA B 24 -1.55 -3.26 -8.94
CA ALA B 24 -0.33 -3.31 -9.74
C ALA B 24 -0.63 -3.55 -11.21
N CYS B 26 -3.92 -3.47 -12.37
CA CYS B 26 -5.19 -4.17 -12.41
C CYS B 26 -6.07 -3.53 -13.48
N ASN B 27 -5.79 -2.27 -13.73
CA ASN B 27 -6.48 -1.49 -14.74
C ASN B 27 -5.53 -1.18 -15.88
N CYS B 28 -4.51 -2.00 -15.99
CA CYS B 28 -3.49 -1.83 -17.00
C CYS B 28 -3.87 -2.61 -18.25
N SER B 29 -4.06 -1.90 -19.35
CA SER B 29 -4.40 -2.51 -20.62
C SER B 29 -3.13 -2.90 -21.38
N ILE B 30 -2.06 -3.11 -20.63
CA ILE B 30 -0.77 -3.48 -21.20
C ILE B 30 -0.81 -4.90 -21.74
N HIS B 31 -0.94 -5.04 -23.05
CA HIS B 31 -0.98 -6.35 -23.68
C HIS B 31 0.06 -6.45 -24.78
N VAL B 32 0.26 -5.34 -25.45
CA VAL B 32 1.22 -5.27 -26.54
C VAL B 32 2.49 -4.56 -26.07
N LYS B 34 4.98 -3.06 -23.52
CA LYS B 34 5.14 -2.52 -22.18
C LYS B 34 4.70 -1.07 -22.16
N ALA A 1 14.89 10.01 1.95
CA ALA A 1 14.16 11.17 2.41
C ALA A 1 13.08 11.63 1.45
N LYS A 3 8.99 10.21 3.36
CA LYS A 3 8.03 9.27 3.89
C LYS A 3 6.60 9.72 3.69
N ILE B 1 9.79 9.95 -4.29
CA ILE B 1 10.78 9.41 -3.33
C ILE B 1 12.19 9.52 -3.92
N ILE B 4 16.43 5.03 -4.54
CA ILE B 4 17.71 4.38 -4.31
C ILE B 4 17.45 2.90 -4.04
N LEU B 6 13.68 0.68 -3.58
CA LEU B 6 12.56 0.05 -4.26
C LEU B 6 11.42 1.05 -4.43
N CYS B 7 11.72 2.18 -5.05
CA CYS B 7 10.74 3.26 -5.25
C CYS B 7 9.37 2.75 -5.66
N PRO B 9 6.53 1.63 -2.92
CA PRO B 9 5.73 1.44 -1.71
C PRO B 9 5.47 2.78 -1.07
N GLY B 10 6.55 3.55 -0.99
CA GLY B 10 6.50 4.86 -0.45
C GLY B 10 5.68 5.82 -1.32
N CYS B 11 5.45 5.41 -2.57
CA CYS B 11 4.69 6.22 -3.52
C CYS B 11 3.25 6.32 -3.07
N LYS B 12 2.83 5.30 -2.37
CA LYS B 12 1.48 5.22 -1.87
C LYS B 12 1.53 5.11 -0.35
N GLY B 14 1.13 7.26 1.72
CA GLY B 14 0.47 8.41 2.31
C GLY B 14 -1.02 8.47 2.10
N ALA B 15 -1.52 9.68 1.90
CA ALA B 15 -2.95 9.92 1.73
C ALA B 15 -3.37 9.56 0.31
N LEU B 16 -2.40 9.15 -0.49
CA LEU B 16 -2.63 8.76 -1.85
C LEU B 16 -3.11 7.32 -1.89
N MET B 17 -2.97 6.67 -0.75
CA MET B 17 -3.36 5.28 -0.63
C MET B 17 -3.80 4.95 0.79
N GLY B 18 -2.89 5.19 1.70
CA GLY B 18 -3.11 4.86 3.09
C GLY B 18 -2.16 3.77 3.51
N CYS B 19 -1.21 3.50 2.61
CA CYS B 19 -0.18 2.49 2.80
C CYS B 19 -0.80 1.10 2.85
N ASN B 20 -1.26 0.67 1.69
CA ASN B 20 -1.88 -0.65 1.49
C ASN B 20 -3.25 -0.71 2.14
N MET B 21 -3.27 -0.95 3.46
CA MET B 21 -4.52 -1.05 4.22
C MET B 21 -5.38 -2.21 3.73
N LYS B 22 -4.75 -3.12 3.00
CA LYS B 22 -5.44 -4.28 2.47
C LYS B 22 -5.36 -5.44 3.46
N ALA B 24 -8.64 -7.55 3.71
CA ALA B 24 -10.05 -7.79 3.98
C ALA B 24 -10.44 -9.22 3.62
N CYS B 26 -8.00 -11.57 2.82
CA CYS B 26 -7.06 -12.03 1.82
C CYS B 26 -6.54 -13.41 2.19
N ASN B 27 -6.60 -13.68 3.48
CA ASN B 27 -6.18 -14.95 4.04
C ASN B 27 -7.39 -15.64 4.66
N CYS B 28 -8.55 -15.31 4.10
CA CYS B 28 -9.81 -15.86 4.56
C CYS B 28 -10.12 -17.16 3.84
N SER B 29 -11.34 -17.65 4.01
CA SER B 29 -11.78 -18.89 3.39
C SER B 29 -11.84 -18.74 1.87
N ILE B 30 -10.86 -19.31 1.20
CA ILE B 30 -10.79 -19.26 -0.25
C ILE B 30 -11.53 -20.45 -0.84
N HIS B 31 -12.19 -20.25 -1.97
CA HIS B 31 -12.93 -21.33 -2.60
C HIS B 31 -12.54 -21.51 -4.06
N VAL B 32 -11.76 -22.57 -4.32
CA VAL B 32 -11.32 -22.86 -5.66
C VAL B 32 -12.43 -23.59 -6.41
N LYS B 34 -15.59 -24.21 -6.42
CA LYS B 34 -16.88 -24.32 -5.76
C LYS B 34 -16.68 -24.65 -4.28
N ALA A 1 15.93 10.13 2.18
CA ALA A 1 15.63 11.51 2.52
C ALA A 1 14.42 11.98 1.74
N LYS A 3 9.08 10.08 4.28
CA LYS A 3 7.89 9.94 5.07
C LYS A 3 7.06 11.23 5.04
N ILE B 1 9.59 10.01 -3.92
CA ILE B 1 10.65 9.45 -3.06
C ILE B 1 11.99 9.49 -3.77
N ILE B 4 15.93 5.20 -4.55
CA ILE B 4 17.19 4.48 -4.44
C ILE B 4 16.95 3.00 -4.16
N LEU B 6 13.45 0.74 -2.74
CA LEU B 6 12.21 0.15 -3.16
C LEU B 6 11.32 1.24 -3.71
N CYS B 7 11.69 1.69 -4.90
CA CYS B 7 11.01 2.76 -5.61
C CYS B 7 9.55 2.45 -5.90
N PRO B 9 6.63 1.32 -3.24
CA PRO B 9 5.81 1.03 -2.07
C PRO B 9 5.64 2.27 -1.23
N GLY B 10 6.68 3.08 -1.22
CA GLY B 10 6.67 4.31 -0.49
C GLY B 10 5.92 5.39 -1.22
N CYS B 11 5.66 5.15 -2.50
CA CYS B 11 4.95 6.09 -3.35
C CYS B 11 3.51 6.23 -2.94
N LYS B 12 2.93 5.11 -2.55
CA LYS B 12 1.56 5.10 -2.13
C LYS B 12 1.47 4.79 -0.65
N GLY B 14 1.71 6.45 1.67
CA GLY B 14 1.51 7.71 2.32
C GLY B 14 0.06 8.08 2.47
N ALA B 15 -0.19 9.38 2.56
CA ALA B 15 -1.55 9.91 2.75
C ALA B 15 -2.43 9.63 1.54
N LEU B 16 -1.81 9.15 0.48
CA LEU B 16 -2.51 8.81 -0.73
C LEU B 16 -3.20 7.48 -0.57
N MET B 17 -2.88 6.78 0.52
CA MET B 17 -3.48 5.49 0.76
C MET B 17 -3.55 5.13 2.23
N GLY B 18 -2.49 5.41 2.96
CA GLY B 18 -2.40 5.03 4.34
C GLY B 18 -1.85 3.62 4.39
N CYS B 19 -1.36 3.21 3.22
CA CYS B 19 -0.76 1.90 2.99
C CYS B 19 -1.80 0.79 3.05
N ASN B 20 -3.08 1.17 3.00
CA ASN B 20 -4.18 0.21 3.02
C ASN B 20 -5.54 0.90 3.10
N MET B 21 -5.54 2.14 3.61
CA MET B 21 -6.77 2.95 3.74
C MET B 21 -7.59 2.51 4.95
N LYS B 22 -6.98 1.69 5.79
CA LYS B 22 -7.66 1.21 6.98
C LYS B 22 -7.90 2.33 7.97
N ALA B 24 -9.33 5.02 7.08
CA ALA B 24 -9.31 6.23 6.26
C ALA B 24 -10.59 6.32 5.43
N CYS B 26 -13.41 5.14 6.73
CA CYS B 26 -14.11 3.93 7.15
C CYS B 26 -15.49 4.32 7.65
N ASN B 27 -15.55 5.52 8.23
CA ASN B 27 -16.79 6.07 8.75
C ASN B 27 -17.29 7.12 7.78
N CYS B 28 -16.79 7.05 6.56
CA CYS B 28 -17.14 7.97 5.51
C CYS B 28 -18.50 7.62 4.92
N SER B 29 -19.49 8.46 5.20
CA SER B 29 -20.84 8.25 4.69
C SER B 29 -20.91 8.58 3.21
N ILE B 30 -20.45 7.64 2.38
CA ILE B 30 -20.45 7.83 0.94
C ILE B 30 -21.74 7.28 0.33
N HIS B 31 -22.81 7.37 1.10
CA HIS B 31 -24.12 6.90 0.66
C HIS B 31 -25.16 7.96 0.93
N VAL B 32 -26.23 7.92 0.16
CA VAL B 32 -27.31 8.88 0.31
C VAL B 32 -28.51 8.21 0.97
N LYS B 34 -31.15 6.47 0.11
CA LYS B 34 -32.21 6.04 -0.78
C LYS B 34 -32.37 7.04 -1.91
N ALA A 1 14.09 10.08 2.39
CA ALA A 1 12.74 10.63 2.38
C ALA A 1 12.54 11.40 3.67
N LYS A 3 9.75 11.02 4.93
CA LYS A 3 9.17 9.70 5.12
C LYS A 3 8.16 9.47 4.03
N ILE B 1 9.76 9.93 -2.77
CA ILE B 1 10.95 9.29 -2.17
C ILE B 1 12.16 9.43 -3.10
N ILE B 4 16.02 4.99 -4.64
CA ILE B 4 17.29 4.28 -4.68
C ILE B 4 17.06 2.80 -4.37
N LEU B 6 13.58 0.68 -2.70
CA LEU B 6 12.27 0.11 -3.02
C LEU B 6 11.38 1.19 -3.56
N CYS B 7 11.76 1.70 -4.72
CA CYS B 7 11.05 2.78 -5.39
C CYS B 7 9.61 2.45 -5.74
N PRO B 9 6.52 1.53 -3.24
CA PRO B 9 5.61 1.27 -2.12
C PRO B 9 5.37 2.55 -1.33
N GLY B 10 6.45 3.30 -1.18
CA GLY B 10 6.39 4.56 -0.48
C GLY B 10 5.72 5.64 -1.31
N CYS B 11 5.57 5.36 -2.61
CA CYS B 11 4.94 6.30 -3.53
C CYS B 11 3.49 6.46 -3.20
N LYS B 12 2.96 5.42 -2.59
CA LYS B 12 1.57 5.41 -2.18
C LYS B 12 1.49 5.28 -0.68
N GLY B 14 0.81 6.80 1.75
CA GLY B 14 0.05 7.89 2.30
C GLY B 14 -1.45 7.70 2.16
N ALA B 15 -2.15 8.79 1.90
CA ALA B 15 -3.62 8.74 1.75
C ALA B 15 -3.99 8.10 0.43
N LEU B 16 -2.99 7.78 -0.36
CA LEU B 16 -3.17 7.16 -1.65
C LEU B 16 -3.39 5.67 -1.48
N MET B 17 -2.87 5.14 -0.38
CA MET B 17 -3.00 3.72 -0.09
C MET B 17 -3.36 3.48 1.37
N GLY B 18 -2.51 3.97 2.24
CA GLY B 18 -2.69 3.80 3.66
C GLY B 18 -1.51 3.09 4.25
N CYS B 19 -0.74 2.45 3.36
CA CYS B 19 0.46 1.71 3.71
C CYS B 19 0.13 0.49 4.58
N ASN B 20 1.15 -0.28 4.91
CA ASN B 20 0.95 -1.47 5.74
C ASN B 20 1.73 -1.36 7.03
N MET B 21 3.06 -1.48 6.91
CA MET B 21 3.97 -1.41 8.06
C MET B 21 3.89 -2.69 8.90
N LYS B 22 2.67 -3.12 9.19
CA LYS B 22 2.44 -4.32 9.97
C LYS B 22 2.69 -5.57 9.12
N ALA B 24 6.22 -7.45 9.86
CA ALA B 24 7.65 -7.70 10.04
C ALA B 24 7.88 -9.11 10.59
N CYS B 26 5.20 -11.28 10.95
CA CYS B 26 4.01 -11.57 11.74
C CYS B 26 3.57 -13.00 11.46
N ASN B 27 3.80 -13.44 10.23
CA ASN B 27 3.46 -14.78 9.79
C ASN B 27 4.74 -15.56 9.55
N CYS B 28 5.78 -15.16 10.24
CA CYS B 28 7.09 -15.79 10.13
C CYS B 28 7.18 -16.98 11.06
N SER B 29 7.75 -18.06 10.57
CA SER B 29 7.91 -19.28 11.34
C SER B 29 9.07 -19.13 12.32
N ILE B 30 8.75 -19.04 13.61
CA ILE B 30 9.78 -18.89 14.63
C ILE B 30 10.23 -20.28 15.08
N HIS B 31 10.67 -21.07 14.12
CA HIS B 31 11.13 -22.42 14.38
C HIS B 31 12.41 -22.69 13.60
N VAL B 32 13.34 -23.39 14.22
CA VAL B 32 14.61 -23.70 13.60
C VAL B 32 14.45 -24.82 12.58
N LYS B 34 13.14 -27.41 10.43
CA LYS B 34 11.96 -28.25 10.30
C LYS B 34 12.08 -29.46 11.21
N ALA A 1 15.44 10.12 2.14
CA ALA A 1 15.10 11.51 2.40
C ALA A 1 13.64 11.81 2.06
N LYS A 3 10.04 11.49 5.89
CA LYS A 3 9.08 11.18 6.94
C LYS A 3 8.10 12.33 7.18
N ILE B 1 10.19 10.10 -3.93
CA ILE B 1 11.30 9.67 -3.05
C ILE B 1 12.59 9.50 -3.84
N ILE B 4 16.36 4.89 -4.52
CA ILE B 4 17.61 4.15 -4.43
C ILE B 4 17.28 2.67 -4.39
N LEU B 6 13.43 0.45 -3.25
CA LEU B 6 12.08 0.09 -3.62
C LEU B 6 11.28 1.35 -3.90
N CYS B 7 11.48 1.89 -5.08
CA CYS B 7 10.80 3.11 -5.51
C CYS B 7 9.34 2.86 -5.84
N PRO B 9 6.56 1.83 -3.31
CA PRO B 9 5.75 1.37 -2.18
C PRO B 9 5.30 2.54 -1.32
N GLY B 10 6.26 3.39 -1.02
CA GLY B 10 6.00 4.58 -0.25
C GLY B 10 5.05 5.52 -0.94
N CYS B 11 5.00 5.40 -2.26
CA CYS B 11 4.12 6.22 -3.07
C CYS B 11 2.68 5.83 -2.86
N LYS B 12 2.51 4.63 -2.36
CA LYS B 12 1.20 4.09 -2.07
C LYS B 12 1.13 3.67 -0.61
N GLY B 14 -0.22 4.36 1.96
CA GLY B 14 -1.35 4.93 2.64
C GLY B 14 -2.68 4.40 2.17
N ALA B 15 -3.65 5.31 2.04
CA ALA B 15 -5.01 4.95 1.60
C ALA B 15 -5.03 4.76 0.09
N LEU B 16 -3.86 4.50 -0.44
CA LEU B 16 -3.67 4.29 -1.86
C LEU B 16 -3.25 2.85 -2.10
N MET B 17 -3.22 2.08 -1.02
CA MET B 17 -2.80 0.69 -1.09
C MET B 17 -3.02 -0.04 0.23
N GLY B 18 -2.92 0.69 1.31
CA GLY B 18 -3.00 0.08 2.62
C GLY B 18 -1.61 -0.40 2.96
N CYS B 19 -0.68 0.02 2.09
CA CYS B 19 0.73 -0.31 2.17
C CYS B 19 0.97 -1.80 1.99
N ASN B 20 0.03 -2.47 1.33
CA ASN B 20 0.17 -3.90 1.07
C ASN B 20 -1.03 -4.48 0.33
N MET B 21 -2.17 -3.79 0.42
CA MET B 21 -3.42 -4.22 -0.23
C MET B 21 -4.05 -5.39 0.53
N LYS B 22 -3.35 -6.52 0.54
CA LYS B 22 -3.85 -7.69 1.24
C LYS B 22 -3.75 -7.47 2.75
N ALA B 24 -6.65 -5.72 4.11
CA ALA B 24 -7.61 -4.62 4.22
C ALA B 24 -8.87 -5.05 4.96
N CYS B 26 -8.91 -7.72 7.29
CA CYS B 26 -8.92 -9.17 7.44
C CYS B 26 -9.16 -9.53 8.89
N ASN B 27 -9.00 -8.52 9.73
CA ASN B 27 -9.21 -8.63 11.17
C ASN B 27 -10.16 -7.51 11.57
N CYS B 28 -11.10 -7.25 10.67
CA CYS B 28 -12.07 -6.19 10.84
C CYS B 28 -13.36 -6.72 11.45
N SER B 29 -13.34 -7.95 11.92
CA SER B 29 -14.50 -8.56 12.55
C SER B 29 -14.50 -8.23 14.03
N ILE B 30 -13.52 -7.44 14.45
CA ILE B 30 -13.37 -7.03 15.83
C ILE B 30 -14.44 -6.02 16.21
N HIS B 31 -14.77 -5.97 17.49
CA HIS B 31 -15.76 -5.04 17.99
C HIS B 31 -15.08 -3.79 18.50
N VAL B 32 -15.23 -2.71 17.76
CA VAL B 32 -14.63 -1.44 18.14
C VAL B 32 -15.65 -0.56 18.85
N LYS B 34 -16.50 0.76 23.17
CA LYS B 34 -17.05 0.37 24.44
C LYS B 34 -17.63 1.59 25.14
N ALA A 1 15.70 10.27 2.10
CA ALA A 1 15.35 11.63 2.43
C ALA A 1 14.15 12.09 1.62
N LYS A 3 9.02 10.91 4.65
CA LYS A 3 7.93 11.11 5.57
C LYS A 3 7.17 12.38 5.24
N ILE B 1 9.74 10.07 -3.84
CA ILE B 1 10.78 9.42 -3.02
C ILE B 1 12.12 9.46 -3.74
N ILE B 4 16.24 5.16 -4.39
CA ILE B 4 17.52 4.50 -4.25
C ILE B 4 17.29 3.00 -4.23
N LEU B 6 13.65 0.33 -3.44
CA LEU B 6 12.39 -0.18 -3.95
C LEU B 6 11.44 0.98 -4.17
N CYS B 7 11.70 1.74 -5.22
CA CYS B 7 10.89 2.90 -5.56
C CYS B 7 9.47 2.52 -5.93
N PRO B 9 6.60 1.38 -3.28
CA PRO B 9 5.81 1.11 -2.07
C PRO B 9 5.59 2.39 -1.30
N GLY B 10 6.67 3.15 -1.21
CA GLY B 10 6.65 4.41 -0.54
C GLY B 10 5.91 5.47 -1.32
N CYS B 11 5.64 5.19 -2.60
CA CYS B 11 4.93 6.12 -3.46
C CYS B 11 3.52 6.32 -2.96
N LYS B 12 3.00 5.27 -2.38
CA LYS B 12 1.65 5.31 -1.85
C LYS B 12 1.70 5.21 -0.33
N GLY B 14 1.89 7.28 1.67
CA GLY B 14 1.52 8.57 2.18
C GLY B 14 0.04 8.81 2.21
N ALA B 15 -0.35 10.09 2.16
CA ALA B 15 -1.75 10.48 2.23
C ALA B 15 -2.51 10.04 0.99
N LEU B 16 -1.76 9.59 0.00
CA LEU B 16 -2.32 9.10 -1.24
C LEU B 16 -2.92 7.72 -1.05
N MET B 17 -2.78 7.20 0.15
CA MET B 17 -3.29 5.88 0.47
C MET B 17 -3.47 5.68 1.96
N GLY B 18 -2.50 6.17 2.71
CA GLY B 18 -2.49 5.98 4.14
C GLY B 18 -1.76 4.70 4.44
N CYS B 19 -1.02 4.24 3.43
CA CYS B 19 -0.25 3.01 3.48
C CYS B 19 -1.18 1.83 3.67
N ASN B 20 -1.64 1.32 2.54
CA ASN B 20 -2.57 0.20 2.48
C ASN B 20 -2.06 -0.99 3.28
N MET B 21 -0.82 -1.39 3.00
CA MET B 21 -0.16 -2.52 3.66
C MET B 21 -0.75 -3.86 3.22
N LYS B 22 -2.08 -3.96 3.27
CA LYS B 22 -2.77 -5.18 2.88
C LYS B 22 -2.56 -5.48 1.40
N ALA B 24 -0.10 -8.29 0.79
CA ALA B 24 1.20 -8.93 0.85
C ALA B 24 1.04 -10.37 1.32
N CYS B 26 -1.46 -12.18 -0.07
CA CYS B 26 -2.91 -12.32 -0.14
C CYS B 26 -3.26 -13.53 -1.00
N ASN B 27 -2.33 -13.90 -1.86
CA ASN B 27 -2.48 -15.06 -2.72
C ASN B 27 -1.52 -16.14 -2.25
N CYS B 28 -1.01 -15.92 -1.05
CA CYS B 28 -0.07 -16.83 -0.43
C CYS B 28 -0.78 -18.07 0.10
N SER B 29 -0.22 -19.24 -0.19
CA SER B 29 -0.81 -20.49 0.26
C SER B 29 -0.65 -20.64 1.77
N ILE B 30 -1.75 -20.52 2.49
CA ILE B 30 -1.72 -20.60 3.94
C ILE B 30 -1.78 -22.06 4.40
N HIS B 31 -0.62 -22.68 4.47
CA HIS B 31 -0.50 -24.07 4.90
C HIS B 31 0.86 -24.30 5.52
N VAL B 32 0.88 -24.62 6.79
CA VAL B 32 2.12 -24.85 7.51
C VAL B 32 2.69 -26.22 7.17
N LYS B 34 2.71 -28.50 4.88
CA LYS B 34 2.16 -29.21 3.74
C LYS B 34 0.69 -28.85 3.59
N ALA A 1 14.39 10.34 1.90
CA ALA A 1 13.62 11.55 2.11
C ALA A 1 12.13 11.26 2.09
N LYS A 3 11.19 11.09 6.44
CA LYS A 3 11.29 10.57 7.80
C LYS A 3 10.02 9.86 8.24
N ILE B 1 9.79 9.74 -3.80
CA ILE B 1 10.90 9.32 -2.92
C ILE B 1 12.22 9.34 -3.70
N ILE B 4 16.27 4.90 -4.49
CA ILE B 4 17.54 4.19 -4.39
C ILE B 4 17.21 2.71 -4.17
N LEU B 6 13.34 0.55 -3.07
CA LEU B 6 12.04 0.09 -3.48
C LEU B 6 11.18 1.29 -3.84
N CYS B 7 11.46 1.87 -5.00
CA CYS B 7 10.76 3.04 -5.47
C CYS B 7 9.30 2.76 -5.77
N PRO B 9 6.44 1.64 -3.22
CA PRO B 9 5.64 1.25 -2.06
C PRO B 9 5.46 2.43 -1.11
N GLY B 10 6.45 3.29 -1.09
CA GLY B 10 6.40 4.46 -0.27
C GLY B 10 5.63 5.59 -0.94
N CYS B 11 5.26 5.36 -2.19
CA CYS B 11 4.54 6.33 -2.98
C CYS B 11 3.07 6.36 -2.65
N LYS B 12 2.52 5.22 -2.33
CA LYS B 12 1.11 5.12 -2.00
C LYS B 12 0.87 4.16 -0.84
N GLY B 14 0.08 4.13 2.03
CA GLY B 14 -0.58 4.81 3.11
C GLY B 14 -2.05 4.99 2.89
N ALA B 15 -2.57 6.14 3.32
CA ALA B 15 -3.99 6.44 3.20
C ALA B 15 -4.35 6.74 1.76
N LEU B 16 -3.35 6.66 0.91
CA LEU B 16 -3.50 6.90 -0.52
C LEU B 16 -3.84 5.61 -1.24
N MET B 17 -3.91 4.52 -0.49
CA MET B 17 -4.21 3.23 -1.08
C MET B 17 -4.63 2.21 -0.06
N GLY B 18 -3.91 2.21 1.04
CA GLY B 18 -4.09 1.22 2.07
C GLY B 18 -3.08 0.14 1.80
N CYS B 19 -2.16 0.50 0.89
CA CYS B 19 -1.10 -0.37 0.42
C CYS B 19 -1.69 -1.54 -0.33
N ASN B 20 -2.11 -1.28 -1.58
CA ASN B 20 -2.71 -2.30 -2.39
C ASN B 20 -1.68 -3.36 -2.79
N MET B 21 -0.94 -3.09 -3.87
CA MET B 21 0.11 -3.98 -4.36
C MET B 21 -0.45 -5.35 -4.78
N LYS B 22 -1.77 -5.46 -4.83
CA LYS B 22 -2.42 -6.69 -5.21
C LYS B 22 -2.65 -6.73 -6.72
N ALA B 24 -1.61 -9.93 -8.38
CA ALA B 24 -0.65 -10.94 -8.79
C ALA B 24 -1.36 -12.19 -9.30
N CYS B 26 -4.82 -12.11 -9.97
CA CYS B 26 -6.14 -12.09 -9.36
C CYS B 26 -7.18 -12.54 -10.40
N ASN B 27 -6.87 -12.24 -11.65
CA ASN B 27 -7.71 -12.62 -12.77
C ASN B 27 -7.02 -13.71 -13.58
N CYS B 28 -6.10 -14.39 -12.93
CA CYS B 28 -5.35 -15.45 -13.55
C CYS B 28 -6.12 -16.75 -13.49
N SER B 29 -6.14 -17.48 -14.59
CA SER B 29 -6.84 -18.75 -14.67
C SER B 29 -6.02 -19.85 -14.01
N ILE B 30 -6.41 -20.23 -12.81
CA ILE B 30 -5.72 -21.27 -12.07
C ILE B 30 -6.41 -22.61 -12.27
N HIS B 31 -5.70 -23.56 -12.84
CA HIS B 31 -6.29 -24.86 -13.09
C HIS B 31 -5.53 -25.97 -12.38
N VAL B 32 -6.27 -26.94 -11.87
CA VAL B 32 -5.69 -28.07 -11.20
C VAL B 32 -5.38 -29.15 -12.23
N LYS B 34 -4.75 -29.48 -15.36
CA LYS B 34 -4.81 -29.05 -16.75
C LYS B 34 -5.93 -28.03 -16.92
N ALA A 1 14.87 10.59 1.85
CA ALA A 1 13.71 11.41 1.46
C ALA A 1 13.66 12.69 2.28
N LYS A 3 13.88 16.30 6.41
CA LYS A 3 13.21 16.90 7.56
C LYS A 3 14.10 17.98 8.13
N ILE B 1 10.47 10.50 -3.50
CA ILE B 1 11.50 9.78 -2.71
C ILE B 1 12.80 9.70 -3.49
N ILE B 4 16.35 4.93 -4.47
CA ILE B 4 17.55 4.14 -4.43
C ILE B 4 17.17 2.68 -4.18
N LEU B 6 13.32 0.53 -3.00
CA LEU B 6 12.03 0.06 -3.46
C LEU B 6 11.17 1.27 -3.81
N CYS B 7 11.50 1.89 -4.92
CA CYS B 7 10.80 3.08 -5.38
C CYS B 7 9.35 2.83 -5.76
N PRO B 9 6.44 1.57 -3.29
CA PRO B 9 5.63 1.13 -2.17
C PRO B 9 5.22 2.29 -1.30
N GLY B 10 6.22 3.09 -0.97
CA GLY B 10 6.02 4.25 -0.16
C GLY B 10 5.18 5.31 -0.85
N CYS B 11 5.16 5.26 -2.18
CA CYS B 11 4.38 6.19 -2.98
C CYS B 11 2.91 6.00 -2.73
N LYS B 12 2.58 4.81 -2.26
CA LYS B 12 1.21 4.45 -1.96
C LYS B 12 1.14 3.90 -0.54
N GLY B 14 -0.10 4.50 2.07
CA GLY B 14 -1.18 5.09 2.83
C GLY B 14 -2.54 4.91 2.23
N ALA B 15 -3.39 5.92 2.34
CA ALA B 15 -4.77 5.88 1.84
C ALA B 15 -4.80 6.01 0.33
N LEU B 16 -3.73 5.55 -0.28
CA LEU B 16 -3.55 5.58 -1.70
C LEU B 16 -3.37 4.16 -2.19
N MET B 17 -3.57 3.21 -1.27
CA MET B 17 -3.40 1.80 -1.56
C MET B 17 -3.68 0.93 -0.35
N GLY B 18 -3.50 1.49 0.83
CA GLY B 18 -3.62 0.72 2.03
C GLY B 18 -2.31 0.02 2.25
N CYS B 19 -1.30 0.53 1.53
CA CYS B 19 0.04 -0.01 1.53
C CYS B 19 0.02 -1.45 1.03
N ASN B 20 -0.49 -1.61 -0.18
CA ASN B 20 -0.61 -2.92 -0.80
C ASN B 20 0.74 -3.57 -1.01
N MET B 21 1.66 -2.83 -1.65
CA MET B 21 3.00 -3.33 -1.95
C MET B 21 2.90 -4.55 -2.84
N LYS B 22 1.90 -4.52 -3.71
CA LYS B 22 1.63 -5.62 -4.62
C LYS B 22 2.36 -5.47 -5.93
N ALA B 24 1.20 -8.14 -8.74
CA ALA B 24 0.69 -9.35 -9.39
C ALA B 24 -0.54 -8.98 -10.22
N CYS B 26 -0.73 -5.90 -11.53
CA CYS B 26 -0.90 -4.49 -11.21
C CYS B 26 -1.02 -3.69 -12.50
N ASN B 27 -0.46 -4.24 -13.57
CA ASN B 27 -0.51 -3.62 -14.88
C ASN B 27 -1.35 -4.49 -15.80
N CYS B 28 -2.16 -5.31 -15.18
CA CYS B 28 -3.04 -6.23 -15.88
C CYS B 28 -4.27 -5.50 -16.39
N SER B 29 -5.06 -6.18 -17.22
CA SER B 29 -6.27 -5.59 -17.79
C SER B 29 -7.34 -5.43 -16.70
N ILE B 30 -7.43 -4.23 -16.14
CA ILE B 30 -8.40 -3.95 -15.10
C ILE B 30 -9.21 -2.70 -15.43
N HIS B 31 -10.43 -2.89 -15.90
CA HIS B 31 -11.31 -1.77 -16.24
C HIS B 31 -12.72 -2.00 -15.73
N VAL B 32 -13.01 -3.23 -15.33
CA VAL B 32 -14.33 -3.58 -14.82
C VAL B 32 -14.26 -3.81 -13.30
N LYS B 34 -13.07 -6.00 -11.04
CA LYS B 34 -12.61 -7.29 -10.55
C LYS B 34 -13.33 -8.41 -11.30
N ALA A 1 14.28 10.47 2.37
CA ALA A 1 13.02 11.21 2.46
C ALA A 1 12.90 11.86 3.83
N LYS A 3 13.12 13.40 8.17
CA LYS A 3 13.97 13.73 9.34
C LYS A 3 14.61 15.11 9.24
N ILE B 1 9.72 9.59 -3.88
CA ILE B 1 10.85 9.27 -2.96
C ILE B 1 12.18 9.34 -3.72
N ILE B 4 16.28 4.95 -4.38
CA ILE B 4 17.55 4.27 -4.20
C ILE B 4 17.25 2.78 -4.02
N LEU B 6 13.45 0.46 -3.07
CA LEU B 6 12.19 -0.03 -3.56
C LEU B 6 11.29 1.15 -3.92
N CYS B 7 11.64 1.80 -5.02
CA CYS B 7 10.92 2.96 -5.50
C CYS B 7 9.49 2.66 -5.87
N PRO B 9 6.50 1.58 -3.42
CA PRO B 9 5.66 1.26 -2.27
C PRO B 9 5.49 2.49 -1.40
N GLY B 10 6.62 3.17 -1.22
CA GLY B 10 6.65 4.39 -0.44
C GLY B 10 5.89 5.51 -1.11
N CYS B 11 5.71 5.39 -2.43
CA CYS B 11 5.00 6.38 -3.22
C CYS B 11 3.55 6.46 -2.78
N LYS B 12 3.07 5.35 -2.29
CA LYS B 12 1.70 5.26 -1.81
C LYS B 12 1.70 4.93 -0.33
N GLY B 14 1.04 6.04 2.36
CA GLY B 14 0.28 7.02 3.10
C GLY B 14 -1.20 6.81 2.99
N ALA B 15 -1.95 7.90 2.86
CA ALA B 15 -3.40 7.85 2.76
C ALA B 15 -3.82 7.34 1.38
N LEU B 16 -2.82 7.02 0.58
CA LEU B 16 -3.03 6.53 -0.77
C LEU B 16 -3.10 5.01 -0.77
N MET B 17 -2.78 4.41 0.37
CA MET B 17 -2.77 2.97 0.48
C MET B 17 -3.00 2.51 1.91
N GLY B 18 -2.24 3.10 2.82
CA GLY B 18 -2.30 2.74 4.20
C GLY B 18 -1.05 1.98 4.58
N CYS B 19 -0.35 1.51 3.54
CA CYS B 19 0.90 0.78 3.66
C CYS B 19 0.73 -0.54 4.39
N ASN B 20 0.64 -1.62 3.64
CA ASN B 20 0.46 -2.95 4.20
C ASN B 20 1.76 -3.42 4.86
N MET B 21 2.52 -4.24 4.13
CA MET B 21 3.80 -4.78 4.62
C MET B 21 3.56 -5.65 5.85
N LYS B 22 2.33 -6.07 6.02
CA LYS B 22 1.93 -6.90 7.15
C LYS B 22 2.06 -8.37 6.82
N ALA B 24 4.98 -10.22 8.19
CA ALA B 24 6.42 -10.46 8.15
C ALA B 24 6.92 -10.82 9.53
N CYS B 26 4.82 -12.44 11.67
CA CYS B 26 3.61 -12.28 12.47
C CYS B 26 3.45 -13.46 13.42
N ASN B 27 4.09 -14.55 13.08
CA ASN B 27 4.07 -15.75 13.90
C ASN B 27 5.50 -16.06 14.35
N CYS B 28 6.33 -15.03 14.25
CA CYS B 28 7.73 -15.12 14.61
C CYS B 28 7.90 -15.04 16.12
N SER B 29 8.21 -16.17 16.73
CA SER B 29 8.42 -16.23 18.18
C SER B 29 9.82 -15.72 18.55
N ILE B 30 10.48 -15.11 17.57
CA ILE B 30 11.82 -14.58 17.77
C ILE B 30 11.79 -13.21 18.43
N HIS B 31 10.85 -13.02 19.34
CA HIS B 31 10.72 -11.77 20.06
C HIS B 31 10.65 -12.02 21.56
N VAL B 32 10.51 -13.28 21.94
CA VAL B 32 10.41 -13.65 23.34
C VAL B 32 11.58 -14.54 23.76
N LYS B 34 12.80 -17.48 23.21
CA LYS B 34 12.74 -18.90 22.87
C LYS B 34 11.30 -19.29 22.54
N ALA A 1 15.21 10.48 2.00
CA ALA A 1 14.67 11.80 2.31
C ALA A 1 13.42 12.06 1.50
N LYS A 3 9.62 11.44 5.39
CA LYS A 3 9.92 12.00 6.69
C LYS A 3 10.70 13.31 6.56
N ILE B 1 9.61 9.88 -4.09
CA ILE B 1 10.63 9.29 -3.19
C ILE B 1 11.99 9.37 -3.88
N ILE B 4 16.18 5.00 -4.40
CA ILE B 4 17.46 4.34 -4.24
C ILE B 4 17.19 2.84 -4.08
N LEU B 6 13.43 0.61 -2.96
CA LEU B 6 12.13 0.09 -3.36
C LEU B 6 11.24 1.24 -3.81
N CYS B 7 11.59 1.83 -4.94
CA CYS B 7 10.86 2.95 -5.49
C CYS B 7 9.44 2.58 -5.89
N PRO B 9 6.50 1.31 -3.40
CA PRO B 9 5.71 1.01 -2.20
C PRO B 9 5.61 2.23 -1.32
N GLY B 10 6.71 2.97 -1.30
CA GLY B 10 6.77 4.17 -0.54
C GLY B 10 6.05 5.32 -1.21
N CYS B 11 5.81 5.16 -2.51
CA CYS B 11 5.12 6.18 -3.30
C CYS B 11 3.73 6.43 -2.78
N LYS B 12 3.15 5.39 -2.25
CA LYS B 12 1.82 5.46 -1.68
C LYS B 12 1.89 5.22 -0.19
N GLY B 14 2.09 6.96 2.15
CA GLY B 14 1.80 8.21 2.83
C GLY B 14 0.45 8.29 3.48
N ALA B 15 -0.08 9.49 3.46
CA ALA B 15 -1.37 9.82 4.04
C ALA B 15 -2.36 10.13 2.93
N LEU B 16 -1.82 10.65 1.84
CA LEU B 16 -2.60 10.97 0.66
C LEU B 16 -3.18 9.68 0.14
N MET B 17 -2.31 8.69 0.08
CA MET B 17 -2.70 7.36 -0.34
C MET B 17 -2.94 6.51 0.89
N GLY B 18 -2.44 7.00 2.02
CA GLY B 18 -2.56 6.34 3.31
C GLY B 18 -2.11 4.90 3.29
N CYS B 19 -1.12 4.63 2.45
CA CYS B 19 -0.55 3.30 2.31
C CYS B 19 -1.65 2.29 1.97
N ASN B 20 -2.51 2.71 1.05
CA ASN B 20 -3.63 1.92 0.56
C ASN B 20 -4.74 1.83 1.58
N MET B 21 -4.66 0.82 2.45
CA MET B 21 -5.68 0.59 3.48
C MET B 21 -7.07 0.44 2.86
N LYS B 22 -7.09 0.05 1.60
CA LYS B 22 -8.34 -0.12 0.88
C LYS B 22 -8.92 -1.51 1.11
N ALA B 24 -12.23 -1.50 2.64
CA ALA B 24 -13.12 -1.22 3.76
C ALA B 24 -14.57 -1.40 3.34
N CYS B 26 -15.37 -2.81 0.19
CA CYS B 26 -15.41 -2.56 -1.24
C CYS B 26 -16.37 -3.52 -1.92
N ASN B 27 -16.59 -4.66 -1.26
CA ASN B 27 -17.49 -5.68 -1.75
C ASN B 27 -18.62 -5.87 -0.74
N CYS B 28 -18.76 -4.89 0.12
CA CYS B 28 -19.76 -4.91 1.16
C CYS B 28 -21.13 -4.52 0.61
N SER B 29 -22.12 -5.34 0.90
CA SER B 29 -23.48 -5.08 0.44
C SER B 29 -24.08 -3.89 1.19
N ILE B 30 -24.15 -2.76 0.50
CA ILE B 30 -24.68 -1.53 1.09
C ILE B 30 -26.19 -1.55 1.04
N HIS B 31 -26.81 -1.35 2.20
CA HIS B 31 -28.26 -1.36 2.31
C HIS B 31 -28.85 -0.07 1.77
N VAL B 32 -29.86 -0.21 0.92
CA VAL B 32 -30.53 0.95 0.36
C VAL B 32 -31.59 1.46 1.32
N LYS B 34 -32.47 0.71 4.42
CA LYS B 34 -32.71 -0.15 5.57
C LYS B 34 -31.95 -1.45 5.41
N ALA A 1 14.69 10.03 2.57
CA ALA A 1 14.12 11.33 2.95
C ALA A 1 12.61 11.22 3.06
N LYS A 3 9.84 6.80 6.88
CA LYS A 3 9.23 6.20 8.05
C LYS A 3 8.42 7.23 8.82
N ILE B 1 9.60 9.56 -4.17
CA ILE B 1 10.66 9.38 -3.17
C ILE B 1 12.03 9.39 -3.86
N ILE B 4 16.03 5.18 -4.68
CA ILE B 4 17.28 4.47 -4.58
C ILE B 4 17.00 3.00 -4.28
N LEU B 6 13.50 0.77 -2.64
CA LEU B 6 12.20 0.21 -2.96
C LEU B 6 11.34 1.30 -3.58
N CYS B 7 11.69 1.66 -4.81
CA CYS B 7 11.03 2.70 -5.56
C CYS B 7 9.57 2.41 -5.84
N PRO B 9 6.61 1.68 -3.24
CA PRO B 9 5.75 1.46 -2.07
C PRO B 9 5.55 2.75 -1.32
N GLY B 10 6.62 3.53 -1.24
CA GLY B 10 6.58 4.80 -0.59
C GLY B 10 5.74 5.79 -1.37
N CYS B 11 5.65 5.56 -2.68
CA CYS B 11 4.87 6.40 -3.58
C CYS B 11 3.40 6.34 -3.18
N LYS B 12 3.04 5.21 -2.60
CA LYS B 12 1.70 4.97 -2.14
C LYS B 12 1.76 4.63 -0.66
N GLY B 14 0.66 5.49 1.86
CA GLY B 14 -0.43 6.07 2.58
C GLY B 14 -1.80 5.66 2.10
N ALA B 15 -2.74 6.60 2.19
CA ALA B 15 -4.14 6.38 1.81
C ALA B 15 -4.30 6.35 0.31
N LEU B 16 -3.24 5.93 -0.34
CA LEU B 16 -3.17 5.81 -1.78
C LEU B 16 -2.92 4.36 -2.12
N MET B 17 -3.04 3.51 -1.10
CA MET B 17 -2.77 2.09 -1.25
C MET B 17 -2.93 1.34 0.06
N GLY B 18 -2.60 2.02 1.14
CA GLY B 18 -2.56 1.40 2.44
C GLY B 18 -1.13 0.93 2.63
N CYS B 19 -0.30 1.46 1.72
CA CYS B 19 1.13 1.18 1.63
C CYS B 19 1.40 -0.20 1.07
N ASN B 20 1.02 -1.22 1.78
CA ASN B 20 1.21 -2.59 1.32
C ASN B 20 0.53 -3.55 2.26
N MET B 21 0.63 -3.24 3.57
CA MET B 21 0.04 -4.07 4.64
C MET B 21 0.86 -5.34 4.85
N LYS B 22 1.25 -5.96 3.75
CA LYS B 22 2.07 -7.16 3.77
C LYS B 22 3.54 -6.78 3.71
N ALA B 24 6.11 -9.89 3.43
CA ALA B 24 6.81 -11.16 3.45
C ALA B 24 7.39 -11.47 2.08
N CYS B 26 8.18 -8.90 -0.12
CA CYS B 26 7.67 -7.89 -1.04
C CYS B 26 8.82 -7.25 -1.77
N ASN B 27 9.99 -7.36 -1.16
CA ASN B 27 11.23 -6.85 -1.70
C ASN B 27 12.13 -8.04 -2.04
N CYS B 28 11.48 -9.16 -2.27
CA CYS B 28 12.15 -10.39 -2.61
C CYS B 28 12.28 -10.53 -4.11
N SER B 29 12.90 -11.60 -4.57
CA SER B 29 13.08 -11.84 -5.99
C SER B 29 11.78 -12.35 -6.62
N ILE B 30 10.80 -11.47 -6.72
CA ILE B 30 9.50 -11.80 -7.31
C ILE B 30 9.60 -11.85 -8.82
N HIS B 31 9.36 -13.00 -9.39
CA HIS B 31 9.43 -13.17 -10.84
C HIS B 31 8.17 -13.79 -11.39
N VAL B 32 7.52 -13.07 -12.29
CA VAL B 32 6.30 -13.55 -12.92
C VAL B 32 6.62 -14.12 -14.30
N LYS B 34 6.55 -13.32 -17.32
CA LYS B 34 6.01 -12.64 -18.48
C LYS B 34 6.28 -11.14 -18.39
N ALA A 1 14.93 10.27 2.18
CA ALA A 1 14.29 11.53 2.51
C ALA A 1 13.25 11.93 1.48
N LYS A 3 9.28 10.45 3.32
CA LYS A 3 8.54 9.35 3.90
C LYS A 3 7.05 9.60 3.88
N ILE B 1 10.09 10.24 -4.26
CA ILE B 1 11.07 9.60 -3.35
C ILE B 1 12.43 9.51 -4.04
N ILE B 4 16.41 5.08 -4.30
CA ILE B 4 17.63 4.34 -4.06
C ILE B 4 17.27 2.88 -3.88
N LEU B 6 13.30 0.64 -3.19
CA LEU B 6 12.08 0.15 -3.76
C LEU B 6 11.18 1.32 -4.09
N CYS B 7 11.54 2.01 -5.16
CA CYS B 7 10.81 3.18 -5.63
C CYS B 7 9.38 2.84 -6.02
N PRO B 9 6.38 1.63 -3.50
CA PRO B 9 5.56 1.32 -2.34
C PRO B 9 5.38 2.55 -1.48
N GLY B 10 6.45 3.30 -1.39
CA GLY B 10 6.45 4.51 -0.63
C GLY B 10 5.77 5.65 -1.36
N CYS B 11 5.58 5.49 -2.66
CA CYS B 11 4.94 6.50 -3.50
C CYS B 11 3.52 6.76 -3.09
N LYS B 12 2.96 5.77 -2.44
CA LYS B 12 1.60 5.85 -1.96
C LYS B 12 1.53 5.41 -0.52
N GLY B 14 1.45 6.99 1.93
CA GLY B 14 0.95 8.07 2.75
C GLY B 14 -0.45 8.49 2.41
N ALA B 15 -0.75 9.75 2.70
CA ALA B 15 -2.07 10.34 2.50
C ALA B 15 -2.45 10.38 1.03
N LEU B 16 -1.47 10.07 0.20
CA LEU B 16 -1.65 10.04 -1.24
C LEU B 16 -2.44 8.79 -1.62
N MET B 17 -2.61 7.89 -0.65
CA MET B 17 -3.32 6.65 -0.89
C MET B 17 -3.89 6.06 0.38
N GLY B 18 -3.07 6.08 1.42
CA GLY B 18 -3.41 5.47 2.68
C GLY B 18 -2.68 4.16 2.77
N CYS B 19 -1.78 3.98 1.78
CA CYS B 19 -0.95 2.81 1.61
C CYS B 19 -1.76 1.63 1.07
N ASN B 20 -3.06 1.67 1.32
CA ASN B 20 -3.97 0.65 0.83
C ASN B 20 -5.41 1.06 1.10
N MET B 21 -5.78 1.09 2.39
CA MET B 21 -7.12 1.49 2.83
C MET B 21 -8.20 0.53 2.31
N LYS B 22 -7.78 -0.65 1.91
CA LYS B 22 -8.70 -1.64 1.41
C LYS B 22 -9.40 -2.35 2.56
N ALA B 24 -12.97 -1.40 2.90
CA ALA B 24 -14.12 -0.54 3.07
C ALA B 24 -15.40 -1.22 2.61
N CYS B 26 -16.08 -4.33 3.49
CA CYS B 26 -15.81 -5.76 3.40
C CYS B 26 -16.41 -6.42 4.64
N ASN B 27 -16.44 -5.63 5.70
CA ASN B 27 -17.01 -6.04 6.98
C ASN B 27 -18.38 -5.40 7.12
N CYS B 28 -18.94 -5.06 5.97
CA CYS B 28 -20.25 -4.43 5.88
C CYS B 28 -21.33 -5.40 6.32
N SER B 29 -22.47 -4.87 6.74
CA SER B 29 -23.59 -5.69 7.17
C SER B 29 -24.20 -6.44 5.99
N ILE B 30 -23.82 -7.69 5.83
CA ILE B 30 -24.34 -8.51 4.74
C ILE B 30 -25.74 -8.97 5.07
N HIS B 31 -26.67 -8.73 4.16
CA HIS B 31 -28.06 -9.09 4.36
C HIS B 31 -28.29 -10.56 4.05
N VAL B 32 -29.10 -11.19 4.87
CA VAL B 32 -29.41 -12.60 4.69
C VAL B 32 -30.44 -12.77 3.58
N LYS B 34 -30.16 -13.57 -0.88
CA LYS B 34 -29.86 -13.01 -2.19
C LYS B 34 -30.04 -14.11 -3.23
N ALA A 1 14.86 9.88 2.04
CA ALA A 1 14.05 10.99 2.54
C ALA A 1 12.93 11.37 1.59
N LYS A 3 9.57 10.62 4.16
CA LYS A 3 8.77 9.76 5.00
C LYS A 3 7.29 9.84 4.65
N ILE B 1 9.84 9.87 -4.25
CA ILE B 1 10.90 9.55 -3.26
C ILE B 1 12.26 9.51 -3.96
N ILE B 4 16.37 5.10 -4.50
CA ILE B 4 17.65 4.44 -4.37
C ILE B 4 17.38 2.97 -4.06
N LEU B 6 13.52 0.77 -2.91
CA LEU B 6 12.23 0.24 -3.28
C LEU B 6 11.32 1.37 -3.71
N CYS B 7 11.61 1.94 -4.88
CA CYS B 7 10.86 3.05 -5.42
C CYS B 7 9.44 2.67 -5.79
N PRO B 9 6.54 1.51 -3.21
CA PRO B 9 5.73 1.21 -2.03
C PRO B 9 5.43 2.48 -1.28
N GLY B 10 6.47 3.30 -1.16
CA GLY B 10 6.38 4.56 -0.51
C GLY B 10 5.50 5.52 -1.28
N CYS B 11 5.41 5.32 -2.58
CA CYS B 11 4.59 6.16 -3.46
C CYS B 11 3.15 6.12 -3.02
N LYS B 12 2.77 5.02 -2.41
CA LYS B 12 1.42 4.84 -1.93
C LYS B 12 1.45 4.59 -0.42
N GLY B 14 0.59 5.76 2.18
CA GLY B 14 -0.33 6.60 2.87
C GLY B 14 -1.76 6.18 2.71
N ALA B 15 -2.64 7.16 2.62
CA ALA B 15 -4.08 6.91 2.48
C ALA B 15 -4.40 6.28 1.14
N LEU B 16 -3.40 6.29 0.26
CA LEU B 16 -3.54 5.71 -1.06
C LEU B 16 -3.55 4.20 -0.98
N MET B 17 -2.88 3.67 0.03
CA MET B 17 -2.81 2.25 0.22
C MET B 17 -3.10 1.87 1.67
N GLY B 18 -2.20 2.29 2.55
CA GLY B 18 -2.31 2.00 3.95
C GLY B 18 -0.99 1.51 4.47
N CYS B 19 -0.16 1.06 3.53
CA CYS B 19 1.18 0.56 3.81
C CYS B 19 1.16 -0.63 4.75
N ASN B 20 0.21 -1.54 4.57
CA ASN B 20 0.09 -2.72 5.41
C ASN B 20 1.04 -3.81 4.93
N MET B 21 0.50 -4.77 4.15
CA MET B 21 1.27 -5.90 3.60
C MET B 21 1.83 -6.81 4.70
N LYS B 22 1.47 -6.52 5.94
CA LYS B 22 1.93 -7.29 7.09
C LYS B 22 0.96 -8.41 7.40
N ALA B 24 2.61 -11.61 9.25
CA ALA B 24 3.47 -12.75 9.49
C ALA B 24 3.36 -13.18 10.94
N CYS B 26 0.94 -11.72 13.03
CA CYS B 26 0.59 -10.50 13.73
C CYS B 26 -0.39 -10.80 14.85
N ASN B 27 -1.18 -11.84 14.65
CA ASN B 27 -2.15 -12.29 15.64
C ASN B 27 -1.83 -13.72 16.02
N CYS B 28 -0.55 -14.03 15.96
CA CYS B 28 -0.07 -15.36 16.29
C CYS B 28 0.17 -15.50 17.79
N SER B 29 0.65 -16.66 18.20
CA SER B 29 0.93 -16.91 19.61
C SER B 29 2.40 -17.30 19.81
N ILE B 30 3.29 -16.59 19.12
CA ILE B 30 4.71 -16.86 19.20
C ILE B 30 5.32 -16.08 20.36
N HIS B 31 4.69 -16.19 21.51
CA HIS B 31 5.14 -15.50 22.71
C HIS B 31 4.70 -16.27 23.96
N VAL B 32 5.67 -16.68 24.77
CA VAL B 32 5.37 -17.41 25.99
C VAL B 32 5.88 -16.64 27.20
N LYS B 34 6.80 -13.78 28.12
CA LYS B 34 7.34 -12.46 27.87
C LYS B 34 6.99 -12.03 26.45
N ALA A 1 13.91 9.83 2.23
CA ALA A 1 12.91 10.85 2.39
C ALA A 1 11.62 10.24 2.89
N LYS A 3 10.80 11.22 7.93
CA LYS A 3 10.86 10.98 9.37
C LYS A 3 9.89 11.85 10.15
N ILE B 1 9.80 9.27 -4.26
CA ILE B 1 10.84 9.20 -3.21
C ILE B 1 12.23 9.27 -3.87
N ILE B 4 16.31 4.93 -4.53
CA ILE B 4 17.59 4.26 -4.41
C ILE B 4 17.32 2.77 -4.27
N LEU B 6 13.53 0.40 -3.31
CA LEU B 6 12.23 -0.06 -3.76
C LEU B 6 11.37 1.14 -4.08
N CYS B 7 11.65 1.75 -5.23
CA CYS B 7 10.94 2.93 -5.68
C CYS B 7 9.48 2.66 -6.01
N PRO B 9 6.59 1.58 -3.50
CA PRO B 9 5.78 1.19 -2.35
C PRO B 9 5.53 2.38 -1.45
N GLY B 10 6.62 3.10 -1.19
CA GLY B 10 6.55 4.27 -0.37
C GLY B 10 5.80 5.41 -1.04
N CYS B 11 5.61 5.28 -2.35
CA CYS B 11 4.89 6.30 -3.13
C CYS B 11 3.45 6.36 -2.72
N LYS B 12 2.95 5.23 -2.24
CA LYS B 12 1.57 5.14 -1.80
C LYS B 12 1.52 4.84 -0.32
N GLY B 14 1.18 6.27 2.25
CA GLY B 14 0.68 7.41 2.96
C GLY B 14 -0.81 7.58 2.92
N ALA B 15 -1.25 8.83 2.85
CA ALA B 15 -2.68 9.17 2.83
C ALA B 15 -3.26 8.91 1.46
N LEU B 16 -2.67 7.95 0.78
CA LEU B 16 -3.07 7.56 -0.55
C LEU B 16 -3.39 6.08 -0.54
N MET B 17 -3.36 5.50 0.65
CA MET B 17 -3.61 4.08 0.80
C MET B 17 -3.66 3.67 2.26
N GLY B 18 -2.95 4.40 3.10
CA GLY B 18 -2.85 4.02 4.49
C GLY B 18 -1.88 2.87 4.57
N CYS B 19 -1.11 2.75 3.49
CA CYS B 19 -0.14 1.69 3.30
C CYS B 19 -0.83 0.35 3.20
N ASN B 20 -1.53 0.19 2.09
CA ASN B 20 -2.26 -1.03 1.82
C ASN B 20 -1.90 -1.55 0.43
N MET B 21 -2.32 -0.82 -0.60
CA MET B 21 -2.08 -1.18 -1.99
C MET B 21 -2.79 -2.46 -2.37
N LYS B 22 -3.76 -2.82 -1.55
CA LYS B 22 -4.56 -4.02 -1.77
C LYS B 22 -5.79 -3.69 -2.61
N ALA B 24 -8.71 -2.98 -2.39
CA ALA B 24 -9.74 -2.43 -1.50
C ALA B 24 -10.72 -1.55 -2.26
N CYS B 26 -10.81 -1.58 -5.68
CA CYS B 26 -10.12 -1.22 -6.90
C CYS B 26 -11.01 -1.52 -8.08
N ASN B 27 -11.79 -2.58 -7.92
CA ASN B 27 -12.73 -3.01 -8.94
C ASN B 27 -14.13 -2.55 -8.56
N CYS B 28 -14.18 -1.64 -7.61
CA CYS B 28 -15.42 -1.08 -7.12
C CYS B 28 -16.00 -0.09 -8.13
N SER B 29 -17.32 0.08 -8.09
CA SER B 29 -18.00 0.99 -8.99
C SER B 29 -17.62 2.44 -8.68
N ILE B 30 -16.86 3.05 -9.57
CA ILE B 30 -16.44 4.43 -9.38
C ILE B 30 -17.53 5.37 -9.87
N HIS B 31 -17.94 6.28 -9.00
CA HIS B 31 -18.98 7.24 -9.32
C HIS B 31 -18.45 8.37 -10.20
N VAL B 32 -19.36 9.10 -10.83
CA VAL B 32 -18.98 10.20 -11.71
C VAL B 32 -18.75 11.49 -10.94
N LYS B 34 -19.69 14.33 -7.60
CA LYS B 34 -20.70 15.33 -7.29
C LYS B 34 -19.99 16.62 -6.89
N ALA A 1 15.10 10.67 1.83
CA ALA A 1 14.51 11.95 2.13
C ALA A 1 13.42 12.32 1.15
N LYS A 3 9.32 10.51 4.23
CA LYS A 3 9.52 10.65 5.65
C LYS A 3 10.14 11.99 6.00
N ILE B 1 9.72 9.81 -4.29
CA ILE B 1 10.77 9.35 -3.35
C ILE B 1 12.13 9.34 -4.04
N ILE B 4 16.30 4.97 -4.36
CA ILE B 4 17.56 4.31 -4.19
C ILE B 4 17.31 2.82 -4.00
N LEU B 6 13.47 0.54 -3.07
CA LEU B 6 12.21 0.00 -3.54
C LEU B 6 11.28 1.16 -3.88
N CYS B 7 11.61 1.83 -4.96
CA CYS B 7 10.84 2.98 -5.43
C CYS B 7 9.44 2.62 -5.82
N PRO B 9 6.48 1.30 -3.40
CA PRO B 9 5.67 0.94 -2.24
C PRO B 9 5.47 2.13 -1.34
N GLY B 10 6.53 2.90 -1.21
CA GLY B 10 6.52 4.08 -0.41
C GLY B 10 5.81 5.23 -1.08
N CYS B 11 5.55 5.09 -2.38
CA CYS B 11 4.90 6.12 -3.18
C CYS B 11 3.47 6.30 -2.74
N LYS B 12 2.94 5.27 -2.12
CA LYS B 12 1.58 5.29 -1.63
C LYS B 12 1.51 4.78 -0.19
N GLY B 14 1.43 5.76 2.65
CA GLY B 14 1.15 6.82 3.59
C GLY B 14 -0.19 7.46 3.37
N ALA B 15 -0.23 8.79 3.50
CA ALA B 15 -1.47 9.55 3.33
C ALA B 15 -1.81 9.71 1.86
N LEU B 16 -1.52 8.64 1.14
CA LEU B 16 -1.72 8.55 -0.27
C LEU B 16 -2.35 7.22 -0.59
N MET B 17 -2.82 6.55 0.46
CA MET B 17 -3.44 5.24 0.34
C MET B 17 -3.77 4.64 1.69
N GLY B 18 -2.92 4.92 2.66
CA GLY B 18 -3.07 4.32 3.96
C GLY B 18 -2.45 2.95 3.88
N CYS B 19 -1.62 2.81 2.84
CA CYS B 19 -0.94 1.57 2.51
C CYS B 19 -1.96 0.51 2.17
N ASN B 20 -2.79 0.85 1.18
CA ASN B 20 -3.84 -0.02 0.70
C ASN B 20 -3.30 -1.08 -0.25
N MET B 21 -2.32 -0.68 -1.05
CA MET B 21 -1.65 -1.55 -2.04
C MET B 21 -2.51 -1.79 -3.28
N LYS B 22 -3.83 -1.72 -3.13
CA LYS B 22 -4.74 -1.92 -4.26
C LYS B 22 -4.63 -0.74 -5.22
N ALA B 24 -2.58 -1.45 -8.20
CA ALA B 24 -1.41 -1.87 -8.96
C ALA B 24 -1.79 -2.31 -10.37
N CYS B 26 -4.12 -0.68 -12.22
CA CYS B 26 -5.53 -0.40 -12.44
C CYS B 26 -5.65 0.61 -13.58
N ASN B 27 -4.58 1.38 -13.75
CA ASN B 27 -4.48 2.37 -14.80
C ASN B 27 -3.48 1.88 -15.83
N CYS B 28 -3.32 0.56 -15.86
CA CYS B 28 -2.40 -0.09 -16.76
C CYS B 28 -2.99 -0.21 -18.17
N SER B 29 -2.18 -0.64 -19.11
CA SER B 29 -2.60 -0.80 -20.48
C SER B 29 -3.37 -2.11 -20.68
N ILE B 30 -4.37 -2.32 -19.82
CA ILE B 30 -5.20 -3.52 -19.88
C ILE B 30 -6.06 -3.50 -21.13
N HIS B 31 -5.92 -4.52 -21.96
CA HIS B 31 -6.66 -4.60 -23.20
C HIS B 31 -7.37 -5.94 -23.33
N VAL B 32 -8.47 -5.96 -24.07
CA VAL B 32 -9.22 -7.18 -24.31
C VAL B 32 -8.83 -7.76 -25.65
N LYS B 34 -8.20 -8.17 -29.79
CA LYS B 34 -8.96 -8.22 -31.02
C LYS B 34 -8.69 -9.53 -31.74
N ALA A 1 15.50 10.11 2.12
CA ALA A 1 15.02 11.39 2.58
C ALA A 1 13.90 11.94 1.71
N LYS A 3 10.03 10.30 4.93
CA LYS A 3 10.51 10.22 6.29
C LYS A 3 11.53 11.32 6.57
N ILE B 1 9.80 10.19 -4.02
CA ILE B 1 10.80 9.54 -3.13
C ILE B 1 12.17 9.56 -3.79
N ILE B 4 16.29 5.25 -4.38
CA ILE B 4 17.58 4.61 -4.26
C ILE B 4 17.35 3.12 -4.10
N LEU B 6 13.69 0.39 -3.33
CA LEU B 6 12.48 -0.16 -3.91
C LEU B 6 11.48 0.96 -4.14
N CYS B 7 11.74 1.77 -5.14
CA CYS B 7 10.90 2.90 -5.47
C CYS B 7 9.48 2.49 -5.86
N PRO B 9 6.56 1.48 -3.17
CA PRO B 9 5.72 1.26 -1.99
C PRO B 9 5.49 2.57 -1.28
N GLY B 10 6.56 3.34 -1.21
CA GLY B 10 6.53 4.63 -0.58
C GLY B 10 5.80 5.65 -1.43
N CYS B 11 5.53 5.29 -2.68
CA CYS B 11 4.83 6.17 -3.62
C CYS B 11 3.40 6.36 -3.17
N LYS B 12 2.90 5.35 -2.52
CA LYS B 12 1.55 5.39 -2.00
C LYS B 12 1.59 5.48 -0.48
N GLY B 14 1.43 7.55 1.62
CA GLY B 14 0.95 8.86 1.98
C GLY B 14 -0.54 8.95 2.08
N ALA B 15 -1.07 10.11 1.72
CA ALA B 15 -2.50 10.38 1.78
C ALA B 15 -3.23 9.72 0.62
N LEU B 16 -2.66 8.65 0.13
CA LEU B 16 -3.20 7.89 -0.97
C LEU B 16 -3.63 6.53 -0.48
N MET B 17 -2.96 6.07 0.57
CA MET B 17 -3.25 4.77 1.14
C MET B 17 -3.11 4.78 2.66
N GLY B 18 -2.51 5.84 3.20
CA GLY B 18 -2.28 5.90 4.63
C GLY B 18 -1.26 4.87 5.02
N CYS B 19 -0.58 4.34 4.00
CA CYS B 19 0.41 3.30 4.14
C CYS B 19 -0.21 2.05 4.74
N ASN B 20 -1.51 1.90 4.53
CA ASN B 20 -2.24 0.74 5.02
C ASN B 20 -3.21 0.20 3.96
N MET B 21 -3.45 0.98 2.92
CA MET B 21 -4.34 0.61 1.81
C MET B 21 -5.82 0.59 2.22
N LYS B 22 -6.08 0.88 3.48
CA LYS B 22 -7.46 0.88 3.98
C LYS B 22 -8.09 2.27 3.83
N ALA B 24 -11.95 2.26 2.73
CA ALA B 24 -13.09 2.03 1.87
C ALA B 24 -14.40 2.27 2.63
N CYS B 26 -14.32 3.85 5.74
CA CYS B 26 -13.97 3.74 7.15
C CYS B 26 -14.49 4.94 7.90
N ASN B 27 -14.64 6.04 7.16
CA ASN B 27 -15.15 7.28 7.71
C ASN B 27 -16.52 7.55 7.11
N CYS B 28 -17.14 6.49 6.64
CA CYS B 28 -18.44 6.54 6.02
C CYS B 28 -19.53 6.55 7.09
N SER B 29 -20.50 7.43 6.94
CA SER B 29 -21.60 7.56 7.88
C SER B 29 -22.65 6.47 7.62
N ILE B 30 -22.28 5.24 7.91
CA ILE B 30 -23.17 4.10 7.73
C ILE B 30 -24.11 4.00 8.92
N HIS B 31 -25.35 4.43 8.73
CA HIS B 31 -26.35 4.40 9.78
C HIS B 31 -27.20 3.15 9.69
N VAL B 32 -28.04 3.12 8.69
CA VAL B 32 -28.93 1.99 8.46
C VAL B 32 -28.56 1.26 7.17
N LYS B 34 -28.92 1.91 3.44
CA LYS B 34 -29.91 1.65 2.40
C LYS B 34 -29.96 2.83 1.44
N ALA A 1 13.80 10.26 2.41
CA ALA A 1 12.49 10.92 2.45
C ALA A 1 12.00 11.10 3.88
N LYS A 3 9.28 11.55 8.18
CA LYS A 3 8.65 12.03 9.38
C LYS A 3 9.33 13.31 9.83
N ILE B 1 9.98 9.77 -4.03
CA ILE B 1 11.07 9.38 -3.11
C ILE B 1 12.41 9.40 -3.86
N ILE B 4 16.28 4.91 -4.40
CA ILE B 4 17.55 4.23 -4.21
C ILE B 4 17.27 2.74 -4.08
N LEU B 6 13.46 0.54 -2.99
CA LEU B 6 12.15 0.09 -3.40
C LEU B 6 11.32 1.28 -3.85
N CYS B 7 11.63 1.79 -5.01
CA CYS B 7 10.94 2.95 -5.57
C CYS B 7 9.49 2.68 -5.90
N PRO B 9 6.64 1.51 -3.31
CA PRO B 9 5.84 1.15 -2.14
C PRO B 9 5.63 2.35 -1.26
N GLY B 10 6.71 3.08 -1.04
CA GLY B 10 6.68 4.28 -0.24
C GLY B 10 5.87 5.38 -0.92
N CYS B 11 5.63 5.22 -2.21
CA CYS B 11 4.87 6.19 -2.98
C CYS B 11 3.42 6.19 -2.60
N LYS B 12 2.96 5.05 -2.10
CA LYS B 12 1.58 4.90 -1.70
C LYS B 12 1.49 4.39 -0.27
N GLY B 14 0.81 5.33 2.45
CA GLY B 14 0.13 6.29 3.28
C GLY B 14 -1.33 6.43 2.96
N ALA B 15 -1.83 7.65 3.06
CA ALA B 15 -3.25 7.96 2.81
C ALA B 15 -3.51 8.04 1.31
N LEU B 16 -2.72 7.29 0.58
CA LEU B 16 -2.79 7.22 -0.85
C LEU B 16 -3.02 5.79 -1.25
N MET B 17 -3.26 4.95 -0.25
CA MET B 17 -3.46 3.53 -0.46
C MET B 17 -3.86 2.82 0.83
N GLY B 18 -3.13 3.14 1.89
CA GLY B 18 -3.34 2.49 3.16
C GLY B 18 -2.28 1.44 3.36
N CYS B 19 -1.33 1.46 2.42
CA CYS B 19 -0.20 0.54 2.40
C CYS B 19 -0.65 -0.90 2.18
N ASN B 20 -1.26 -1.11 1.01
CA ASN B 20 -1.76 -2.41 0.56
C ASN B 20 -2.99 -2.90 1.34
N MET B 21 -2.86 -3.01 2.67
CA MET B 21 -3.95 -3.47 3.52
C MET B 21 -4.38 -4.88 3.13
N LYS B 22 -3.39 -5.72 2.94
CA LYS B 22 -3.62 -7.10 2.53
C LYS B 22 -3.81 -8.01 3.74
N ALA B 24 -7.32 -9.12 4.44
CA ALA B 24 -8.66 -8.77 4.91
C ALA B 24 -9.59 -9.98 5.01
N CYS B 26 -8.35 -13.16 5.23
CA CYS B 26 -7.71 -14.26 4.53
C CYS B 26 -7.64 -15.45 5.47
N ASN B 27 -7.38 -15.14 6.74
CA ASN B 27 -7.31 -16.15 7.78
C ASN B 27 -8.63 -16.23 8.51
N CYS B 28 -9.66 -15.71 7.86
CA CYS B 28 -11.01 -15.71 8.40
C CYS B 28 -11.64 -17.09 8.28
N SER B 29 -12.33 -17.53 9.33
CA SER B 29 -12.97 -18.84 9.33
C SER B 29 -14.32 -18.78 8.63
N ILE B 30 -14.29 -18.44 7.35
CA ILE B 30 -15.49 -18.35 6.54
C ILE B 30 -15.92 -19.74 6.09
N HIS B 31 -17.14 -20.11 6.42
CA HIS B 31 -17.68 -21.42 6.08
C HIS B 31 -18.67 -21.32 4.93
N VAL B 32 -18.76 -22.39 4.16
CA VAL B 32 -19.69 -22.45 3.04
C VAL B 32 -20.86 -23.39 3.37
N LYS B 34 -22.09 -24.78 6.01
CA LYS B 34 -22.05 -25.38 7.33
C LYS B 34 -20.73 -25.05 8.03
#